data_1YEH
#
_entry.id   1YEH
#
_cell.length_a   78.470
_cell.length_b   78.470
_cell.length_c   158.920
_cell.angle_alpha   90.00
_cell.angle_beta   90.00
_cell.angle_gamma   120.00
#
_symmetry.space_group_name_H-M   'P 31 2 1'
#
loop_
_entity.id
_entity.type
_entity.pdbx_description
1 polymer 'FAB FRAGMENT'
2 polymer 'FAB FRAGMENT'
3 non-polymer 'ZINC ION'
4 water water
#
loop_
_entity_poly.entity_id
_entity_poly.type
_entity_poly.pdbx_seq_one_letter_code
_entity_poly.pdbx_strand_id
1 'polypeptide(L)'
;DIVMTQSPLTLSVTIGQPASISCKSSQSLLYSNGKTYLNWLLQRPGQSPKRLIHLVSKLDSGVPDRITGSGSGTDFTLKI
SRVEAADLGVYYCVQGTHFPYTFGGGTKLEILRGDAAPTVSIFPPSSEQLTSGGASVVCFLNNFYPKDINVKWKIDGSER
QNGVLNSWTDQDSKDSTYSMSSTLTLTKDEYERHNSYTCEATHKTSTSPIVKSFNRNEC
;
L
2 'polypeptide(L)'
;EMQLQQSGAELLRPGTSVKLSCKTSGYIFTSYWIHWVKQRSGQGLEWIARIYPGTGSTYYNEKFKGKATLTADKSSSTAY
MQLSTLKSEDSAVYFCTRWGFIPVREDYVMDYWGQGTLVTVSSAKTTAPSVYPLAPVCGDTTGSSVTLGCLVKGYFPEPV
TLTWNSGSLSSGVHTFPAVLQSDLYTLSSSVTVTSSTWPSQSITCNVAHPASSTKVDKKIEP
;
H
#
loop_
_chem_comp.id
_chem_comp.type
_chem_comp.name
_chem_comp.formula
ZN non-polymer 'ZINC ION' 'Zn 2'
#
# COMPACT_ATOMS: atom_id res chain seq x y z
N ASP A 1 14.83 -9.16 -23.20
CA ASP A 1 13.97 -9.99 -22.31
C ASP A 1 12.59 -10.03 -22.94
N ILE A 2 11.71 -10.85 -22.39
CA ILE A 2 10.35 -10.96 -22.91
C ILE A 2 9.54 -9.86 -22.28
N VAL A 3 8.78 -9.14 -23.11
CA VAL A 3 7.92 -8.08 -22.63
C VAL A 3 6.50 -8.64 -22.51
N MET A 4 5.89 -8.44 -21.36
CA MET A 4 4.54 -8.93 -21.08
C MET A 4 3.59 -7.74 -21.00
N THR A 5 2.63 -7.69 -21.91
CA THR A 5 1.67 -6.61 -21.93
C THR A 5 0.32 -7.05 -21.38
N GLN A 6 -0.14 -6.38 -20.33
CA GLN A 6 -1.42 -6.71 -19.73
C GLN A 6 -2.43 -5.64 -20.04
N SER A 7 -3.64 -6.06 -20.37
CA SER A 7 -4.73 -5.13 -20.63
C SER A 7 -5.99 -5.79 -20.10
N PRO A 8 -6.90 -5.01 -19.51
CA PRO A 8 -6.80 -3.56 -19.34
C PRO A 8 -5.93 -3.19 -18.13
N LEU A 9 -5.68 -1.90 -17.95
CA LEU A 9 -4.89 -1.43 -16.82
C LEU A 9 -5.70 -1.55 -15.53
N THR A 10 -7.01 -1.32 -15.64
CA THR A 10 -7.92 -1.42 -14.51
C THR A 10 -9.29 -1.81 -15.05
N LEU A 11 -10.05 -2.55 -14.25
CA LEU A 11 -11.39 -2.93 -14.64
C LEU A 11 -12.28 -2.78 -13.43
N SER A 12 -13.46 -2.20 -13.63
CA SER A 12 -14.41 -2.01 -12.56
C SER A 12 -15.52 -3.01 -12.82
N VAL A 13 -15.67 -3.97 -11.93
CA VAL A 13 -16.69 -5.01 -12.14
C VAL A 13 -17.61 -5.09 -10.93
N THR A 14 -18.89 -5.33 -11.16
CA THR A 14 -19.82 -5.46 -10.05
C THR A 14 -19.74 -6.90 -9.55
N ILE A 15 -19.93 -7.08 -8.26
CA ILE A 15 -19.89 -8.41 -7.66
C ILE A 15 -20.95 -9.31 -8.33
N GLY A 16 -20.52 -10.46 -8.82
CA GLY A 16 -21.43 -11.38 -9.48
C GLY A 16 -21.19 -11.44 -10.98
N GLN A 17 -20.51 -10.45 -11.53
CA GLN A 17 -20.23 -10.47 -12.96
C GLN A 17 -18.89 -11.12 -13.25
N PRO A 18 -18.70 -11.55 -14.50
CA PRO A 18 -17.42 -12.18 -14.88
C PRO A 18 -16.40 -11.09 -15.23
N ALA A 19 -15.12 -11.41 -15.14
CA ALA A 19 -14.05 -10.46 -15.46
C ALA A 19 -12.94 -11.24 -16.13
N SER A 20 -12.31 -10.67 -17.14
CA SER A 20 -11.20 -11.36 -17.79
C SER A 20 -10.07 -10.39 -18.07
N ILE A 21 -8.85 -10.86 -17.85
CA ILE A 21 -7.64 -10.07 -18.03
C ILE A 21 -6.75 -10.71 -19.08
N SER A 22 -6.21 -9.89 -19.96
CA SER A 22 -5.36 -10.39 -21.02
C SER A 22 -3.89 -10.11 -20.75
N CYS A 23 -3.05 -11.02 -21.22
CA CYS A 23 -1.61 -10.93 -21.08
C CYS A 23 -0.99 -11.42 -22.41
N LYS A 24 -0.21 -10.55 -23.05
CA LYS A 24 0.45 -10.81 -24.33
C LYS A 24 1.98 -10.79 -24.11
N SER A 25 2.71 -11.64 -24.83
CA SER A 25 4.16 -11.66 -24.69
C SER A 25 4.87 -11.42 -26.02
N SER A 26 6.08 -10.88 -25.95
CA SER A 26 6.86 -10.61 -27.16
C SER A 26 7.43 -11.89 -27.81
N GLN A 27 7.39 -13.00 -27.09
CA GLN A 27 7.90 -14.29 -27.58
C GLN A 27 6.93 -15.39 -27.15
N SER A 28 6.90 -16.50 -27.89
CA SER A 28 6.05 -17.62 -27.52
C SER A 28 6.55 -18.13 -26.18
N LEU A 29 5.64 -18.51 -25.30
CA LEU A 29 6.04 -19.00 -24.01
C LEU A 29 6.14 -20.50 -24.01
N LEU A 30 6.07 -21.11 -25.19
CA LEU A 30 6.18 -22.55 -25.32
C LEU A 30 7.65 -22.91 -25.10
N TYR A 31 7.93 -23.69 -24.06
CA TYR A 31 9.29 -24.12 -23.76
C TYR A 31 9.63 -25.30 -24.69
N SER A 32 10.92 -25.58 -24.83
CA SER A 32 11.38 -26.66 -25.70
C SER A 32 10.90 -28.04 -25.26
N ASN A 33 10.43 -28.16 -24.03
CA ASN A 33 9.94 -29.44 -23.56
C ASN A 33 8.43 -29.52 -23.79
N GLY A 34 7.87 -28.51 -24.47
CA GLY A 34 6.45 -28.48 -24.77
C GLY A 34 5.51 -27.95 -23.69
N LYS A 35 6.07 -27.51 -22.56
CA LYS A 35 5.27 -26.97 -21.49
C LYS A 35 5.29 -25.45 -21.65
N THR A 36 4.24 -24.77 -21.23
CA THR A 36 4.18 -23.31 -21.30
C THR A 36 4.16 -22.78 -19.86
N TYR A 37 5.25 -22.14 -19.46
CA TYR A 37 5.38 -21.60 -18.09
C TYR A 37 4.80 -20.19 -17.89
N LEU A 38 3.48 -20.07 -17.86
CA LEU A 38 2.82 -18.78 -17.65
C LEU A 38 2.04 -18.86 -16.35
N ASN A 39 2.27 -17.89 -15.47
CA ASN A 39 1.61 -17.85 -14.17
C ASN A 39 0.81 -16.56 -13.95
N TRP A 40 -0.16 -16.63 -13.05
CA TRP A 40 -0.97 -15.45 -12.74
C TRP A 40 -0.88 -15.29 -11.24
N LEU A 41 -0.64 -14.06 -10.78
CA LEU A 41 -0.52 -13.72 -9.36
C LEU A 41 -1.57 -12.69 -8.99
N LEU A 42 -1.87 -12.59 -7.70
CA LEU A 42 -2.82 -11.61 -7.22
C LEU A 42 -2.16 -10.98 -6.02
N GLN A 43 -2.11 -9.65 -5.98
CA GLN A 43 -1.54 -8.97 -4.84
C GLN A 43 -2.69 -8.19 -4.21
N ARG A 44 -3.14 -8.69 -3.08
CA ARG A 44 -4.22 -8.10 -2.31
C ARG A 44 -3.68 -6.83 -1.67
N PRO A 45 -4.55 -5.82 -1.48
CA PRO A 45 -4.08 -4.58 -0.86
C PRO A 45 -3.36 -4.87 0.48
N GLY A 46 -2.13 -4.36 0.57
CA GLY A 46 -1.33 -4.53 1.76
C GLY A 46 -0.83 -5.95 2.00
N GLN A 47 -0.88 -6.79 0.98
CA GLN A 47 -0.45 -8.16 1.11
C GLN A 47 0.59 -8.51 0.05
N SER A 48 1.38 -9.54 0.32
CA SER A 48 2.39 -10.01 -0.61
C SER A 48 1.68 -10.71 -1.77
N PRO A 49 2.29 -10.76 -2.96
CA PRO A 49 1.58 -11.43 -4.06
C PRO A 49 1.40 -12.92 -3.75
N LYS A 50 0.43 -13.55 -4.43
CA LYS A 50 0.16 -14.98 -4.25
C LYS A 50 -0.16 -15.53 -5.62
N ARG A 51 0.37 -16.71 -5.93
CA ARG A 51 0.10 -17.31 -7.22
C ARG A 51 -1.27 -17.96 -7.25
N LEU A 52 -2.00 -17.68 -8.31
CA LEU A 52 -3.32 -18.23 -8.53
C LEU A 52 -3.22 -19.44 -9.47
N ILE A 53 -2.60 -19.21 -10.62
CA ILE A 53 -2.47 -20.23 -11.65
C ILE A 53 -1.04 -20.44 -12.13
N HIS A 54 -0.75 -21.68 -12.56
CA HIS A 54 0.55 -22.04 -13.11
C HIS A 54 0.31 -22.95 -14.30
N LEU A 55 1.32 -23.08 -15.15
CA LEU A 55 1.21 -23.90 -16.35
C LEU A 55 -0.03 -23.53 -17.14
N VAL A 56 -0.26 -22.23 -17.26
CA VAL A 56 -1.37 -21.64 -18.02
C VAL A 56 -2.78 -21.81 -17.47
N SER A 57 -3.13 -23.04 -17.09
CA SER A 57 -4.46 -23.33 -16.64
C SER A 57 -4.60 -24.12 -15.36
N LYS A 58 -3.49 -24.48 -14.75
CA LYS A 58 -3.57 -25.27 -13.53
C LYS A 58 -3.65 -24.39 -12.31
N LEU A 59 -4.77 -24.52 -11.60
CA LEU A 59 -5.01 -23.75 -10.39
C LEU A 59 -4.14 -24.24 -9.23
N ASP A 60 -3.70 -23.31 -8.39
CA ASP A 60 -2.90 -23.68 -7.23
C ASP A 60 -3.87 -24.13 -6.16
N SER A 61 -3.38 -24.98 -5.26
CA SER A 61 -4.21 -25.48 -4.18
C SER A 61 -4.83 -24.33 -3.41
N GLY A 62 -6.08 -24.51 -3.00
CA GLY A 62 -6.76 -23.48 -2.24
C GLY A 62 -7.26 -22.29 -3.03
N VAL A 63 -7.08 -22.32 -4.35
CA VAL A 63 -7.56 -21.24 -5.18
C VAL A 63 -8.94 -21.67 -5.69
N PRO A 64 -9.93 -20.78 -5.60
CA PRO A 64 -11.29 -21.07 -6.06
C PRO A 64 -11.38 -21.26 -7.56
N ASP A 65 -12.10 -22.28 -8.00
CA ASP A 65 -12.23 -22.54 -9.43
C ASP A 65 -13.12 -21.56 -10.17
N ARG A 66 -13.45 -20.44 -9.52
CA ARG A 66 -14.21 -19.36 -10.15
C ARG A 66 -13.20 -18.75 -11.11
N ILE A 67 -11.92 -18.94 -10.77
CA ILE A 67 -10.78 -18.45 -11.52
C ILE A 67 -10.36 -19.50 -12.55
N THR A 68 -10.17 -19.05 -13.77
CA THR A 68 -9.79 -19.92 -14.86
C THR A 68 -8.68 -19.26 -15.66
N GLY A 69 -7.77 -20.04 -16.21
CA GLY A 69 -6.70 -19.48 -17.01
C GLY A 69 -6.66 -20.22 -18.33
N SER A 70 -6.25 -19.54 -19.39
CA SER A 70 -6.16 -20.19 -20.69
C SER A 70 -5.29 -19.40 -21.65
N GLY A 71 -5.01 -19.99 -22.80
CA GLY A 71 -4.18 -19.36 -23.81
C GLY A 71 -3.03 -20.26 -24.23
N SER A 72 -2.18 -19.74 -25.12
CA SER A 72 -1.01 -20.44 -25.61
C SER A 72 -0.23 -19.48 -26.48
N GLY A 73 1.01 -19.84 -26.78
CA GLY A 73 1.83 -19.00 -27.62
C GLY A 73 2.18 -17.68 -26.98
N THR A 74 1.49 -16.63 -27.39
CA THR A 74 1.78 -15.30 -26.88
C THR A 74 0.58 -14.60 -26.24
N ASP A 75 -0.58 -15.23 -26.31
CA ASP A 75 -1.78 -14.63 -25.76
C ASP A 75 -2.39 -15.49 -24.68
N PHE A 76 -2.60 -14.89 -23.52
CA PHE A 76 -3.15 -15.62 -22.38
C PHE A 76 -4.27 -14.82 -21.74
N THR A 77 -5.20 -15.51 -21.10
CA THR A 77 -6.34 -14.86 -20.47
C THR A 77 -6.68 -15.50 -19.14
N LEU A 78 -6.99 -14.66 -18.16
CA LEU A 78 -7.42 -15.11 -16.83
C LEU A 78 -8.86 -14.69 -16.80
N LYS A 79 -9.74 -15.59 -16.40
CA LYS A 79 -11.14 -15.25 -16.31
C LYS A 79 -11.68 -15.60 -14.94
N ILE A 80 -12.42 -14.65 -14.36
CA ILE A 80 -13.06 -14.83 -13.07
C ILE A 80 -14.53 -14.89 -13.48
N SER A 81 -15.14 -16.07 -13.36
CA SER A 81 -16.52 -16.29 -13.76
C SER A 81 -17.57 -15.49 -13.00
N ARG A 82 -17.36 -15.33 -11.70
CA ARG A 82 -18.29 -14.62 -10.84
C ARG A 82 -17.41 -13.92 -9.81
N VAL A 83 -17.24 -12.61 -9.94
CA VAL A 83 -16.40 -11.86 -9.02
C VAL A 83 -16.99 -11.57 -7.65
N GLU A 84 -16.13 -11.66 -6.63
CA GLU A 84 -16.50 -11.43 -5.23
C GLU A 84 -15.60 -10.32 -4.68
N ALA A 85 -15.89 -9.87 -3.47
CA ALA A 85 -15.13 -8.81 -2.81
C ALA A 85 -13.66 -9.16 -2.58
N ALA A 86 -13.40 -10.44 -2.36
CA ALA A 86 -12.04 -10.93 -2.12
C ALA A 86 -11.13 -10.89 -3.37
N ASP A 87 -11.70 -10.59 -4.53
CA ASP A 87 -10.92 -10.55 -5.77
C ASP A 87 -10.31 -9.18 -6.03
N LEU A 88 -10.53 -8.25 -5.11
CA LEU A 88 -10.02 -6.90 -5.23
C LEU A 88 -8.48 -6.89 -5.09
N GLY A 89 -7.79 -6.27 -6.04
CA GLY A 89 -6.34 -6.21 -6.00
C GLY A 89 -5.73 -6.10 -7.39
N VAL A 90 -4.42 -6.30 -7.49
CA VAL A 90 -3.75 -6.23 -8.78
C VAL A 90 -3.34 -7.64 -9.21
N TYR A 91 -3.59 -7.97 -10.48
CA TYR A 91 -3.27 -9.27 -11.05
C TYR A 91 -2.12 -9.12 -12.00
N TYR A 92 -1.19 -10.08 -11.97
CA TYR A 92 -0.02 -10.03 -12.84
C TYR A 92 0.22 -11.36 -13.50
N CYS A 93 0.79 -11.32 -14.69
CA CYS A 93 1.18 -12.56 -15.35
C CYS A 93 2.70 -12.57 -15.25
N VAL A 94 3.26 -13.76 -15.01
CA VAL A 94 4.71 -13.92 -14.89
C VAL A 94 5.06 -15.06 -15.83
N GLN A 95 6.02 -14.83 -16.73
CA GLN A 95 6.45 -15.88 -17.64
C GLN A 95 7.75 -16.47 -17.11
N GLY A 96 7.85 -17.80 -17.10
CA GLY A 96 9.05 -18.46 -16.64
C GLY A 96 9.74 -19.30 -17.71
N THR A 97 9.26 -19.22 -18.96
CA THR A 97 9.81 -19.99 -20.08
C THR A 97 11.18 -19.46 -20.53
N HIS A 98 11.33 -18.14 -20.48
CA HIS A 98 12.55 -17.50 -20.91
C HIS A 98 13.20 -16.85 -19.70
N PHE A 99 14.53 -16.76 -19.74
CA PHE A 99 15.31 -16.16 -18.65
C PHE A 99 15.77 -14.78 -19.12
N PRO A 100 15.69 -13.76 -18.24
CA PRO A 100 15.18 -13.83 -16.87
C PRO A 100 13.65 -13.79 -16.87
N TYR A 101 13.04 -14.24 -15.78
CA TYR A 101 11.59 -14.26 -15.67
C TYR A 101 11.10 -12.83 -15.66
N THR A 102 10.00 -12.57 -16.35
CA THR A 102 9.47 -11.22 -16.42
C THR A 102 7.98 -11.20 -16.10
N PHE A 103 7.54 -10.09 -15.53
CA PHE A 103 6.16 -9.87 -15.13
C PHE A 103 5.46 -8.89 -16.04
N GLY A 104 4.12 -8.91 -15.97
CA GLY A 104 3.31 -7.97 -16.72
C GLY A 104 3.15 -6.77 -15.78
N GLY A 105 2.70 -5.65 -16.32
CA GLY A 105 2.55 -4.43 -15.52
C GLY A 105 1.48 -4.44 -14.45
N GLY A 106 0.55 -5.38 -14.55
CA GLY A 106 -0.52 -5.49 -13.58
C GLY A 106 -1.85 -4.94 -14.08
N THR A 107 -2.93 -5.50 -13.56
CA THR A 107 -4.29 -5.07 -13.89
C THR A 107 -5.02 -4.92 -12.56
N LYS A 108 -5.49 -3.72 -12.28
CA LYS A 108 -6.17 -3.50 -11.02
C LYS A 108 -7.65 -3.74 -11.21
N LEU A 109 -8.18 -4.66 -10.41
CA LEU A 109 -9.59 -4.98 -10.46
C LEU A 109 -10.27 -4.21 -9.32
N GLU A 110 -11.23 -3.36 -9.66
CA GLU A 110 -11.96 -2.58 -8.66
C GLU A 110 -13.46 -2.91 -8.68
N ILE A 111 -14.02 -3.04 -7.50
CA ILE A 111 -15.42 -3.39 -7.37
C ILE A 111 -16.34 -2.21 -7.66
N LEU A 112 -17.11 -2.34 -8.73
CA LEU A 112 -18.06 -1.31 -9.14
C LEU A 112 -19.24 -1.40 -8.18
N ARG A 113 -19.74 -0.25 -7.72
CA ARG A 113 -20.88 -0.21 -6.81
C ARG A 113 -21.73 1.04 -6.95
N GLY A 114 -22.80 1.11 -6.15
CA GLY A 114 -23.70 2.24 -6.16
C GLY A 114 -23.01 3.49 -5.67
N ASP A 115 -23.26 4.61 -6.35
CA ASP A 115 -22.66 5.89 -5.98
C ASP A 115 -22.87 6.18 -4.50
N ALA A 116 -21.86 6.79 -3.89
CA ALA A 116 -21.92 7.16 -2.48
C ALA A 116 -21.33 8.55 -2.30
N ALA A 117 -22.13 9.44 -1.71
CA ALA A 117 -21.71 10.80 -1.45
C ALA A 117 -20.81 10.80 -0.22
N PRO A 118 -19.79 11.67 -0.23
CA PRO A 118 -18.83 11.78 0.87
C PRO A 118 -19.39 12.32 2.17
N THR A 119 -18.80 11.89 3.29
CA THR A 119 -19.15 12.36 4.61
C THR A 119 -17.94 13.24 4.90
N VAL A 120 -18.17 14.53 5.05
CA VAL A 120 -17.06 15.46 5.27
C VAL A 120 -16.96 15.99 6.69
N SER A 121 -15.72 16.04 7.18
CA SER A 121 -15.41 16.53 8.51
C SER A 121 -14.25 17.50 8.35
N ILE A 122 -14.34 18.67 8.98
CA ILE A 122 -13.27 19.66 8.91
C ILE A 122 -12.77 19.96 10.34
N PHE A 123 -11.46 19.98 10.53
CA PHE A 123 -10.86 20.21 11.84
C PHE A 123 -9.87 21.36 11.87
N PRO A 124 -10.07 22.31 12.79
CA PRO A 124 -9.18 23.47 12.96
C PRO A 124 -7.89 22.99 13.60
N PRO A 125 -6.87 23.86 13.68
CA PRO A 125 -5.58 23.52 14.28
C PRO A 125 -5.74 23.15 15.75
N SER A 126 -4.96 22.18 16.22
CA SER A 126 -5.02 21.78 17.62
C SER A 126 -4.16 22.79 18.40
N SER A 127 -4.48 22.97 19.67
CA SER A 127 -3.75 23.91 20.52
C SER A 127 -2.25 23.65 20.46
N GLU A 128 -1.89 22.38 20.51
CA GLU A 128 -0.49 21.99 20.47
C GLU A 128 0.22 22.51 19.23
N GLN A 129 -0.39 22.33 18.06
CA GLN A 129 0.27 22.79 16.83
C GLN A 129 0.49 24.30 16.84
N LEU A 130 -0.56 25.04 17.20
CA LEU A 130 -0.47 26.49 17.22
C LEU A 130 0.69 26.98 18.08
N THR A 131 0.93 26.28 19.19
CA THR A 131 2.03 26.62 20.08
C THR A 131 3.37 26.59 19.34
N SER A 132 3.53 25.62 18.44
CA SER A 132 4.75 25.48 17.66
C SER A 132 4.84 26.52 16.55
N GLY A 133 3.80 27.33 16.41
CA GLY A 133 3.81 28.36 15.37
C GLY A 133 3.33 27.86 14.03
N GLY A 134 2.64 26.73 14.04
CA GLY A 134 2.11 26.17 12.82
C GLY A 134 0.62 25.94 12.96
N ALA A 135 -0.07 25.83 11.83
CA ALA A 135 -1.50 25.60 11.86
C ALA A 135 -1.93 24.79 10.67
N SER A 136 -2.57 23.65 10.94
CA SER A 136 -3.08 22.79 9.87
C SER A 136 -4.58 22.61 10.01
N VAL A 137 -5.28 22.79 8.90
CA VAL A 137 -6.73 22.61 8.88
C VAL A 137 -6.91 21.33 8.06
N VAL A 138 -7.47 20.31 8.71
CA VAL A 138 -7.69 19.00 8.09
C VAL A 138 -9.14 18.77 7.65
N CYS A 139 -9.31 18.09 6.52
CA CYS A 139 -10.63 17.80 6.01
C CYS A 139 -10.68 16.34 5.56
N PHE A 140 -11.64 15.58 6.10
CA PHE A 140 -11.81 14.18 5.77
C PHE A 140 -13.04 13.97 4.92
N LEU A 141 -12.86 13.36 3.76
CA LEU A 141 -13.97 13.06 2.87
C LEU A 141 -14.05 11.55 2.81
N ASN A 142 -14.82 11.00 3.74
CA ASN A 142 -14.99 9.56 3.90
C ASN A 142 -16.12 8.87 3.14
N ASN A 143 -15.83 7.62 2.78
CA ASN A 143 -16.74 6.70 2.10
C ASN A 143 -17.54 7.20 0.93
N PHE A 144 -16.88 7.42 -0.19
CA PHE A 144 -17.59 7.86 -1.39
C PHE A 144 -17.28 6.93 -2.54
N TYR A 145 -18.06 7.03 -3.60
CA TYR A 145 -17.87 6.23 -4.81
C TYR A 145 -18.65 6.93 -5.91
N PRO A 146 -18.05 7.08 -7.10
CA PRO A 146 -16.72 6.70 -7.60
C PRO A 146 -15.55 7.39 -6.89
N LYS A 147 -14.35 6.90 -7.15
CA LYS A 147 -13.14 7.47 -6.55
C LYS A 147 -12.88 8.91 -6.97
N ASP A 148 -13.32 9.25 -8.18
CA ASP A 148 -13.13 10.58 -8.76
C ASP A 148 -13.78 11.73 -8.00
N ILE A 149 -12.94 12.58 -7.41
CA ILE A 149 -13.43 13.72 -6.62
C ILE A 149 -12.42 14.87 -6.67
N ASN A 150 -12.90 16.10 -6.67
CA ASN A 150 -12.02 17.25 -6.71
C ASN A 150 -12.25 18.17 -5.51
N VAL A 151 -11.24 18.33 -4.67
CA VAL A 151 -11.36 19.18 -3.49
C VAL A 151 -10.47 20.43 -3.57
N LYS A 152 -11.03 21.56 -3.18
CA LYS A 152 -10.30 22.82 -3.17
C LYS A 152 -10.57 23.55 -1.85
N TRP A 153 -9.56 24.24 -1.36
CA TRP A 153 -9.69 25.00 -0.11
C TRP A 153 -9.94 26.45 -0.42
N LYS A 154 -10.74 27.11 0.42
CA LYS A 154 -11.01 28.53 0.23
C LYS A 154 -10.94 29.23 1.56
N ILE A 155 -10.17 30.32 1.60
CA ILE A 155 -10.02 31.10 2.83
C ILE A 155 -10.58 32.47 2.55
N ASP A 156 -11.65 32.83 3.27
CA ASP A 156 -12.28 34.13 3.10
C ASP A 156 -12.69 34.34 1.65
N GLY A 157 -13.22 33.29 1.04
CA GLY A 157 -13.68 33.38 -0.33
C GLY A 157 -12.68 33.15 -1.44
N SER A 158 -11.39 33.13 -1.14
CA SER A 158 -10.42 32.91 -2.20
C SER A 158 -9.79 31.52 -2.12
N GLU A 159 -9.59 30.92 -3.29
CA GLU A 159 -9.00 29.60 -3.40
C GLU A 159 -7.54 29.63 -3.01
N ARG A 160 -7.14 28.68 -2.17
CA ARG A 160 -5.78 28.58 -1.70
C ARG A 160 -5.25 27.26 -2.27
N GLN A 161 -4.23 27.36 -3.11
CA GLN A 161 -3.63 26.21 -3.75
C GLN A 161 -2.33 25.75 -3.11
N ASN A 162 -1.60 26.69 -2.52
CA ASN A 162 -0.33 26.37 -1.90
C ASN A 162 -0.52 25.95 -0.45
N GLY A 163 0.15 24.86 -0.08
CA GLY A 163 0.10 24.31 1.27
C GLY A 163 -0.90 23.17 1.46
N VAL A 164 -1.49 22.70 0.36
CA VAL A 164 -2.45 21.61 0.41
C VAL A 164 -1.74 20.26 0.22
N LEU A 165 -2.12 19.29 1.04
CA LEU A 165 -1.52 17.96 1.04
C LEU A 165 -2.66 16.95 1.06
N ASN A 166 -2.88 16.27 -0.06
CA ASN A 166 -3.96 15.28 -0.17
C ASN A 166 -3.48 13.85 -0.12
N SER A 167 -4.32 12.96 0.39
CA SER A 167 -4.02 11.53 0.49
C SER A 167 -5.31 10.73 0.33
N TRP A 168 -5.27 9.68 -0.47
CA TRP A 168 -6.43 8.82 -0.71
C TRP A 168 -6.15 7.41 -0.22
N THR A 169 -7.18 6.69 0.21
CA THR A 169 -7.01 5.30 0.64
C THR A 169 -7.39 4.42 -0.55
N ASP A 170 -6.96 3.16 -0.53
CA ASP A 170 -7.31 2.27 -1.62
C ASP A 170 -8.78 1.87 -1.43
N GLN A 171 -9.37 1.18 -2.39
CA GLN A 171 -10.75 0.79 -2.23
C GLN A 171 -10.89 -0.13 -1.05
N ASP A 172 -11.82 0.22 -0.17
CA ASP A 172 -12.10 -0.54 1.04
C ASP A 172 -12.74 -1.88 0.74
N SER A 173 -12.08 -2.94 1.16
CA SER A 173 -12.56 -4.30 0.98
C SER A 173 -13.71 -4.68 1.89
N LYS A 174 -14.45 -3.68 2.38
CA LYS A 174 -15.60 -3.93 3.25
C LYS A 174 -16.85 -3.26 2.68
N ASP A 175 -16.72 -2.04 2.17
CA ASP A 175 -17.86 -1.35 1.59
C ASP A 175 -17.62 -0.87 0.16
N SER A 176 -16.42 -1.15 -0.35
CA SER A 176 -16.03 -0.77 -1.70
C SER A 176 -15.99 0.72 -1.92
N THR A 177 -15.88 1.49 -0.85
CA THR A 177 -15.82 2.95 -1.00
C THR A 177 -14.39 3.44 -0.82
N TYR A 178 -14.17 4.73 -1.12
CA TYR A 178 -12.88 5.40 -0.98
C TYR A 178 -12.98 6.51 0.07
N SER A 179 -11.85 6.94 0.59
CA SER A 179 -11.81 8.03 1.55
C SER A 179 -10.56 8.84 1.22
N MET A 180 -10.59 10.14 1.46
CA MET A 180 -9.42 10.97 1.21
C MET A 180 -9.28 12.02 2.29
N SER A 181 -8.05 12.43 2.53
CA SER A 181 -7.73 13.42 3.55
C SER A 181 -7.04 14.58 2.86
N SER A 182 -7.39 15.78 3.26
CA SER A 182 -6.80 16.97 2.71
C SER A 182 -6.38 17.85 3.88
N THR A 183 -5.11 18.19 3.93
CA THR A 183 -4.59 19.04 4.99
C THR A 183 -4.01 20.32 4.39
N LEU A 184 -4.38 21.47 4.94
CA LEU A 184 -3.85 22.77 4.49
C LEU A 184 -3.01 23.29 5.64
N THR A 185 -1.72 23.50 5.42
CA THR A 185 -0.86 24.00 6.48
C THR A 185 -0.43 25.44 6.26
N LEU A 186 -0.62 26.28 7.28
CA LEU A 186 -0.24 27.70 7.23
C LEU A 186 0.58 27.94 8.48
N THR A 187 1.03 29.18 8.62
CA THR A 187 1.77 29.56 9.81
C THR A 187 0.69 29.98 10.79
N LYS A 188 1.04 30.08 12.07
CA LYS A 188 0.07 30.47 13.08
C LYS A 188 -0.44 31.89 12.81
N ASP A 189 0.48 32.78 12.47
CA ASP A 189 0.14 34.16 12.20
C ASP A 189 -0.88 34.39 11.11
N GLU A 190 -0.67 33.78 9.94
CA GLU A 190 -1.62 33.94 8.85
C GLU A 190 -2.96 33.28 9.14
N TYR A 191 -2.91 32.16 9.84
CA TYR A 191 -4.12 31.45 10.21
C TYR A 191 -5.00 32.40 11.01
N GLU A 192 -4.38 33.13 11.94
CA GLU A 192 -5.07 34.07 12.80
C GLU A 192 -5.43 35.39 12.15
N ARG A 193 -5.25 35.47 10.84
CA ARG A 193 -5.54 36.70 10.11
C ARG A 193 -6.76 36.51 9.21
N HIS A 194 -7.20 35.27 9.11
CA HIS A 194 -8.34 34.95 8.28
C HIS A 194 -9.51 34.52 9.15
N ASN A 195 -10.68 34.38 8.56
CA ASN A 195 -11.85 34.01 9.34
C ASN A 195 -12.46 32.67 8.93
N SER A 196 -12.91 32.57 7.68
CA SER A 196 -13.54 31.35 7.17
C SER A 196 -12.61 30.42 6.42
N TYR A 197 -12.68 29.15 6.78
CA TYR A 197 -11.88 28.10 6.14
C TYR A 197 -12.87 27.13 5.54
N THR A 198 -12.88 27.02 4.23
CA THR A 198 -13.80 26.13 3.56
C THR A 198 -13.14 25.01 2.77
N CYS A 199 -13.67 23.82 2.98
CA CYS A 199 -13.24 22.61 2.31
C CYS A 199 -14.36 22.36 1.31
N GLU A 200 -14.06 22.49 0.03
CA GLU A 200 -15.07 22.33 -1.01
C GLU A 200 -14.77 21.14 -1.92
N ALA A 201 -15.75 20.29 -2.16
CA ALA A 201 -15.55 19.10 -2.99
C ALA A 201 -16.48 19.04 -4.17
N THR A 202 -16.00 18.41 -5.23
CA THR A 202 -16.77 18.23 -6.45
C THR A 202 -16.85 16.73 -6.66
N HIS A 203 -18.07 16.19 -6.58
CA HIS A 203 -18.30 14.76 -6.76
C HIS A 203 -19.55 14.52 -7.60
N LYS A 204 -19.54 13.42 -8.33
CA LYS A 204 -20.62 12.94 -9.20
C LYS A 204 -22.00 12.96 -8.52
N THR A 205 -22.03 12.67 -7.22
CA THR A 205 -23.27 12.65 -6.46
C THR A 205 -23.87 14.00 -6.15
N SER A 206 -23.39 15.07 -6.79
CA SER A 206 -23.97 16.38 -6.54
C SER A 206 -23.70 17.38 -7.65
N THR A 207 -24.76 18.02 -8.12
CA THR A 207 -24.66 19.03 -9.18
C THR A 207 -23.98 20.29 -8.67
N SER A 208 -23.88 20.42 -7.35
CA SER A 208 -23.25 21.57 -6.72
C SER A 208 -22.15 21.09 -5.75
N PRO A 209 -21.06 21.87 -5.63
CA PRO A 209 -19.97 21.49 -4.74
C PRO A 209 -20.41 21.25 -3.30
N ILE A 210 -19.89 20.16 -2.74
CA ILE A 210 -20.14 19.74 -1.36
C ILE A 210 -19.26 20.59 -0.44
N VAL A 211 -19.91 21.36 0.43
CA VAL A 211 -19.22 22.28 1.32
C VAL A 211 -19.19 21.92 2.81
N LYS A 212 -18.10 22.30 3.45
CA LYS A 212 -17.90 22.11 4.88
C LYS A 212 -16.96 23.22 5.30
N SER A 213 -17.37 24.00 6.29
CA SER A 213 -16.55 25.11 6.74
C SER A 213 -16.68 25.45 8.21
N PHE A 214 -15.84 26.38 8.65
CA PHE A 214 -15.87 26.87 10.00
C PHE A 214 -15.25 28.26 9.99
N ASN A 215 -15.71 29.09 10.90
CA ASN A 215 -15.21 30.44 11.04
C ASN A 215 -14.39 30.43 12.32
N ARG A 216 -13.13 30.81 12.23
CA ARG A 216 -12.31 30.87 13.42
C ARG A 216 -12.51 32.30 13.85
N ASN A 217 -12.54 32.52 15.17
CA ASN A 217 -12.69 33.85 15.74
C ASN A 217 -12.27 33.70 17.20
N GLU A 218 -12.98 34.34 18.13
CA GLU A 218 -12.60 34.21 19.54
C GLU A 218 -13.80 34.30 20.48
N CYS A 219 -13.66 33.61 21.61
CA CYS A 219 -14.62 33.53 22.72
C CYS A 219 -15.09 32.10 22.99
N GLU B 1 3.13 -25.31 9.39
CA GLU B 1 2.90 -23.94 8.89
C GLU B 1 4.26 -23.38 8.49
N MET B 2 4.38 -23.23 7.17
CA MET B 2 5.56 -22.76 6.49
C MET B 2 5.54 -21.24 6.60
N GLN B 3 6.63 -20.65 7.11
CA GLN B 3 6.72 -19.19 7.28
C GLN B 3 8.06 -18.56 6.89
N LEU B 4 7.98 -17.42 6.20
CA LEU B 4 9.13 -16.64 5.76
C LEU B 4 9.01 -15.29 6.44
N GLN B 5 9.97 -14.97 7.30
CA GLN B 5 9.96 -13.70 8.02
C GLN B 5 11.12 -12.81 7.57
N GLN B 6 10.80 -11.60 7.13
CA GLN B 6 11.82 -10.69 6.65
C GLN B 6 12.18 -9.61 7.64
N SER B 7 13.37 -9.02 7.45
CA SER B 7 13.84 -7.97 8.33
C SER B 7 13.06 -6.69 8.12
N GLY B 8 13.22 -5.74 9.05
CA GLY B 8 12.51 -4.49 9.00
C GLY B 8 12.97 -3.49 7.97
N ALA B 9 12.20 -2.41 7.82
CA ALA B 9 12.51 -1.35 6.87
C ALA B 9 13.91 -0.79 7.10
N GLU B 10 14.56 -0.32 6.04
CA GLU B 10 15.90 0.19 6.18
C GLU B 10 16.05 1.55 5.52
N LEU B 11 16.83 2.41 6.16
CA LEU B 11 17.12 3.73 5.64
C LEU B 11 18.64 3.65 5.33
N LEU B 12 18.98 3.71 4.04
CA LEU B 12 20.36 3.63 3.58
C LEU B 12 20.80 4.91 2.92
N ARG B 13 22.08 5.18 3.06
CA ARG B 13 22.68 6.37 2.49
C ARG B 13 23.20 6.01 1.12
N PRO B 14 23.18 6.97 0.17
CA PRO B 14 23.67 6.71 -1.18
C PRO B 14 25.11 6.15 -1.18
N GLY B 15 25.33 5.13 -1.99
CA GLY B 15 26.66 4.55 -2.09
C GLY B 15 26.99 3.46 -1.11
N THR B 16 26.20 3.32 -0.05
CA THR B 16 26.47 2.27 0.92
C THR B 16 25.80 0.93 0.55
N SER B 17 25.81 -0.02 1.49
CA SER B 17 25.26 -1.36 1.26
C SER B 17 24.33 -1.87 2.38
N VAL B 18 23.48 -2.85 2.05
CA VAL B 18 22.56 -3.45 3.04
C VAL B 18 22.49 -4.94 2.84
N LYS B 19 22.22 -5.65 3.93
CA LYS B 19 22.04 -7.09 3.87
C LYS B 19 20.65 -7.37 4.41
N LEU B 20 19.78 -7.85 3.54
CA LEU B 20 18.42 -8.17 3.90
C LEU B 20 18.37 -9.64 4.31
N SER B 21 17.54 -9.97 5.30
CA SER B 21 17.41 -11.36 5.71
C SER B 21 15.97 -11.87 5.53
N CYS B 22 15.88 -13.17 5.26
CA CYS B 22 14.62 -13.85 5.04
C CYS B 22 14.69 -15.17 5.81
N LYS B 23 14.23 -15.14 7.06
CA LYS B 23 14.24 -16.30 7.94
C LYS B 23 13.06 -17.23 7.65
N THR B 24 13.34 -18.49 7.38
CA THR B 24 12.28 -19.45 7.04
C THR B 24 12.02 -20.46 8.14
N SER B 25 10.89 -21.16 8.03
CA SER B 25 10.52 -22.18 8.98
C SER B 25 9.34 -23.02 8.47
N GLY B 26 9.19 -24.21 9.03
CA GLY B 26 8.08 -25.05 8.65
C GLY B 26 8.31 -25.95 7.47
N TYR B 27 9.52 -25.95 6.92
CA TYR B 27 9.80 -26.84 5.80
C TYR B 27 11.31 -27.10 5.74
N ILE B 28 11.72 -28.04 4.91
CA ILE B 28 13.14 -28.36 4.78
C ILE B 28 13.81 -27.28 3.92
N PHE B 29 14.39 -26.29 4.59
CA PHE B 29 15.09 -25.15 3.98
C PHE B 29 15.96 -25.49 2.77
N THR B 30 16.76 -26.55 2.92
CA THR B 30 17.69 -26.94 1.86
C THR B 30 17.13 -27.53 0.58
N SER B 31 15.87 -27.93 0.58
CA SER B 31 15.30 -28.55 -0.59
C SER B 31 14.49 -27.68 -1.53
N TYR B 32 14.50 -26.37 -1.35
CA TYR B 32 13.71 -25.50 -2.22
C TYR B 32 14.43 -24.21 -2.59
N TRP B 33 14.18 -23.72 -3.79
CA TRP B 33 14.78 -22.50 -4.25
C TRP B 33 14.05 -21.33 -3.60
N ILE B 34 14.81 -20.31 -3.25
CA ILE B 34 14.28 -19.10 -2.67
C ILE B 34 14.58 -18.04 -3.72
N HIS B 35 13.56 -17.31 -4.13
CA HIS B 35 13.72 -16.26 -5.13
C HIS B 35 13.52 -14.94 -4.43
N TRP B 36 14.09 -13.89 -5.01
CA TRP B 36 13.93 -12.54 -4.48
C TRP B 36 13.31 -11.73 -5.60
N VAL B 37 12.30 -10.95 -5.24
CA VAL B 37 11.55 -10.12 -6.20
C VAL B 37 11.58 -8.69 -5.67
N LYS B 38 11.57 -7.73 -6.59
CA LYS B 38 11.63 -6.33 -6.25
C LYS B 38 10.37 -5.64 -6.73
N GLN B 39 9.87 -4.70 -5.94
CA GLN B 39 8.67 -3.95 -6.31
C GLN B 39 8.85 -2.47 -6.05
N ARG B 40 8.75 -1.67 -7.12
CA ARG B 40 8.91 -0.21 -7.02
C ARG B 40 7.58 0.47 -7.23
N SER B 41 7.43 1.65 -6.62
CA SER B 41 6.24 2.48 -6.71
C SER B 41 4.97 1.76 -7.18
N GLY B 42 4.53 0.79 -6.38
CA GLY B 42 3.32 0.04 -6.70
C GLY B 42 3.50 -1.12 -7.67
N GLN B 43 2.62 -1.16 -8.67
CA GLN B 43 2.67 -2.23 -9.67
C GLN B 43 3.87 -2.16 -10.61
N GLY B 44 4.88 -2.97 -10.29
CA GLY B 44 6.08 -3.03 -11.08
C GLY B 44 7.09 -3.98 -10.47
N LEU B 45 6.85 -5.26 -10.68
CA LEU B 45 7.71 -6.33 -10.12
C LEU B 45 8.84 -6.78 -11.04
N GLU B 46 9.98 -7.07 -10.44
CA GLU B 46 11.13 -7.53 -11.17
C GLU B 46 11.74 -8.71 -10.43
N TRP B 47 12.14 -9.73 -11.19
CA TRP B 47 12.76 -10.91 -10.61
C TRP B 47 14.25 -10.61 -10.50
N ILE B 48 14.81 -10.81 -9.31
CA ILE B 48 16.24 -10.55 -9.08
C ILE B 48 17.14 -11.80 -9.23
N ALA B 49 16.91 -12.79 -8.38
CA ALA B 49 17.71 -14.01 -8.41
C ALA B 49 17.10 -15.11 -7.53
N ARG B 50 17.69 -16.30 -7.60
CA ARG B 50 17.24 -17.45 -6.81
C ARG B 50 18.45 -18.23 -6.30
N ILE B 51 18.32 -18.83 -5.14
CA ILE B 51 19.39 -19.60 -4.57
C ILE B 51 18.84 -20.92 -4.07
N TYR B 52 19.63 -21.98 -4.24
CA TYR B 52 19.26 -23.30 -3.77
C TYR B 52 20.14 -23.50 -2.54
N PRO B 53 19.60 -23.22 -1.35
CA PRO B 53 20.34 -23.35 -0.09
C PRO B 53 21.03 -24.69 0.12
N GLY B 54 20.49 -25.75 -0.49
CA GLY B 54 21.09 -27.05 -0.35
C GLY B 54 22.50 -27.08 -0.89
N THR B 55 22.72 -26.44 -2.03
CA THR B 55 24.04 -26.43 -2.65
C THR B 55 24.73 -25.07 -2.70
N GLY B 56 23.96 -24.00 -2.58
CA GLY B 56 24.52 -22.67 -2.66
C GLY B 56 24.48 -22.16 -4.08
N SER B 57 23.91 -22.96 -4.98
CA SER B 57 23.80 -22.60 -6.39
C SER B 57 22.89 -21.38 -6.59
N THR B 58 23.33 -20.40 -7.38
CA THR B 58 22.53 -19.20 -7.61
C THR B 58 22.46 -18.82 -9.08
N TYR B 59 21.41 -18.10 -9.44
CA TYR B 59 21.18 -17.63 -10.81
C TYR B 59 20.72 -16.19 -10.71
N TYR B 60 21.37 -15.28 -11.44
CA TYR B 60 20.98 -13.88 -11.37
C TYR B 60 20.44 -13.35 -12.67
N ASN B 61 19.62 -12.32 -12.55
CA ASN B 61 19.05 -11.61 -13.68
C ASN B 61 20.23 -10.71 -14.06
N GLU B 62 20.63 -10.71 -15.32
CA GLU B 62 21.78 -9.91 -15.75
C GLU B 62 21.75 -8.51 -15.16
N LYS B 63 20.57 -7.91 -15.13
CA LYS B 63 20.39 -6.57 -14.60
C LYS B 63 20.93 -6.40 -13.20
N PHE B 64 20.95 -7.48 -12.44
CA PHE B 64 21.40 -7.43 -11.05
C PHE B 64 22.76 -7.99 -10.70
N LYS B 65 23.48 -8.56 -11.68
CA LYS B 65 24.82 -9.09 -11.41
C LYS B 65 25.64 -7.90 -10.92
N GLY B 66 26.28 -8.06 -9.78
CA GLY B 66 27.06 -6.98 -9.20
C GLY B 66 26.26 -6.13 -8.23
N LYS B 67 24.94 -6.14 -8.34
CA LYS B 67 24.11 -5.35 -7.42
C LYS B 67 23.70 -6.22 -6.23
N ALA B 68 23.21 -7.42 -6.52
CA ALA B 68 22.77 -8.34 -5.49
C ALA B 68 23.66 -9.55 -5.35
N THR B 69 23.85 -10.00 -4.11
CA THR B 69 24.61 -11.21 -3.82
C THR B 69 23.75 -12.03 -2.88
N LEU B 70 23.40 -13.25 -3.28
CA LEU B 70 22.56 -14.09 -2.45
C LEU B 70 23.36 -15.13 -1.70
N THR B 71 23.03 -15.30 -0.43
CA THR B 71 23.68 -16.32 0.40
C THR B 71 22.57 -16.99 1.18
N ALA B 72 22.91 -18.04 1.91
CA ALA B 72 21.91 -18.73 2.70
C ALA B 72 22.61 -19.44 3.84
N ASP B 73 22.11 -19.29 5.06
CA ASP B 73 22.70 -19.96 6.18
C ASP B 73 21.84 -21.16 6.57
N LYS B 74 22.31 -22.34 6.22
CA LYS B 74 21.60 -23.58 6.51
C LYS B 74 21.44 -23.83 8.00
N SER B 75 22.44 -23.46 8.79
CA SER B 75 22.35 -23.70 10.22
C SER B 75 21.23 -22.92 10.87
N SER B 76 20.82 -21.81 10.24
CA SER B 76 19.74 -20.99 10.79
C SER B 76 18.52 -20.90 9.86
N SER B 77 18.60 -21.52 8.68
CA SER B 77 17.52 -21.50 7.71
C SER B 77 17.13 -20.09 7.27
N THR B 78 18.14 -19.24 7.15
CA THR B 78 17.96 -17.85 6.75
C THR B 78 18.68 -17.56 5.43
N ALA B 79 17.94 -16.97 4.49
CA ALA B 79 18.50 -16.59 3.20
C ALA B 79 18.77 -15.10 3.31
N TYR B 80 19.84 -14.65 2.68
CA TYR B 80 20.21 -13.24 2.73
C TYR B 80 20.40 -12.71 1.33
N MET B 81 20.25 -11.42 1.18
CA MET B 81 20.50 -10.77 -0.09
C MET B 81 21.17 -9.45 0.24
N GLN B 82 22.39 -9.27 -0.25
CA GLN B 82 23.09 -8.04 0.00
C GLN B 82 23.07 -7.18 -1.24
N LEU B 83 22.67 -5.93 -1.07
CA LEU B 83 22.63 -4.98 -2.16
C LEU B 83 23.80 -4.05 -1.89
N SER B 84 24.60 -3.83 -2.93
CA SER B 84 25.77 -2.97 -2.84
C SER B 84 25.63 -1.66 -3.58
N THR B 85 26.35 -0.65 -3.09
CA THR B 85 26.37 0.70 -3.67
C THR B 85 25.01 1.16 -4.11
N LEU B 86 24.15 1.44 -3.14
CA LEU B 86 22.80 1.84 -3.41
C LEU B 86 22.62 3.20 -4.04
N LYS B 87 21.65 3.28 -4.96
CA LYS B 87 21.33 4.51 -5.65
C LYS B 87 19.81 4.61 -5.70
N SER B 88 19.33 5.68 -6.31
CA SER B 88 17.91 5.98 -6.44
C SER B 88 17.00 4.79 -6.75
N GLU B 89 17.30 4.07 -7.83
CA GLU B 89 16.49 2.93 -8.27
C GLU B 89 16.37 1.82 -7.24
N ASP B 90 17.27 1.79 -6.27
CA ASP B 90 17.26 0.74 -5.27
C ASP B 90 16.22 0.88 -4.17
N SER B 91 15.58 2.04 -4.09
CA SER B 91 14.54 2.23 -3.10
C SER B 91 13.35 1.42 -3.63
N ALA B 92 12.91 0.42 -2.85
CA ALA B 92 11.80 -0.42 -3.27
C ALA B 92 11.48 -1.37 -2.14
N VAL B 93 10.50 -2.25 -2.38
CA VAL B 93 10.15 -3.26 -1.40
C VAL B 93 10.69 -4.56 -1.99
N TYR B 94 11.44 -5.31 -1.21
CA TYR B 94 12.00 -6.56 -1.68
C TYR B 94 11.28 -7.72 -0.98
N PHE B 95 10.87 -8.72 -1.75
CA PHE B 95 10.19 -9.88 -1.20
C PHE B 95 11.05 -11.11 -1.43
N CYS B 96 10.92 -12.08 -0.53
CA CYS B 96 11.61 -13.35 -0.69
C CYS B 96 10.45 -14.34 -0.79
N THR B 97 10.65 -15.39 -1.56
CA THR B 97 9.58 -16.36 -1.73
C THR B 97 10.07 -17.76 -2.06
N ARG B 98 9.46 -18.74 -1.42
CA ARG B 98 9.78 -20.13 -1.73
C ARG B 98 8.79 -20.38 -2.86
N TRP B 99 9.19 -20.00 -4.07
CA TRP B 99 8.36 -20.10 -5.25
C TRP B 99 7.59 -21.41 -5.40
N GLY B 100 8.24 -22.51 -5.09
CA GLY B 100 7.58 -23.81 -5.15
C GLY B 100 7.68 -24.64 -6.41
N PHE B 101 8.40 -24.20 -7.44
CA PHE B 101 8.52 -25.01 -8.64
C PHE B 101 9.47 -26.15 -8.36
N ILE B 102 9.07 -27.37 -8.73
CA ILE B 102 9.91 -28.54 -8.53
C ILE B 102 10.32 -29.00 -9.93
N PRO B 103 11.56 -28.70 -10.32
CA PRO B 103 12.10 -29.08 -11.63
C PRO B 103 11.85 -30.55 -12.03
N VAL B 104 12.25 -31.49 -11.17
CA VAL B 104 12.07 -32.92 -11.46
C VAL B 104 10.62 -33.35 -11.71
N ARG B 105 9.69 -32.73 -10.99
CA ARG B 105 8.28 -33.08 -11.16
C ARG B 105 7.66 -32.29 -12.30
N GLU B 106 8.33 -31.21 -12.71
CA GLU B 106 7.77 -30.35 -13.77
C GLU B 106 6.40 -29.81 -13.33
N ASP B 107 6.29 -29.59 -12.02
CA ASP B 107 5.07 -29.09 -11.45
C ASP B 107 5.39 -28.28 -10.21
N TYR B 108 4.37 -27.59 -9.69
CA TYR B 108 4.52 -26.72 -8.54
C TYR B 108 3.90 -27.17 -7.23
N VAL B 109 4.46 -26.63 -6.16
CA VAL B 109 4.05 -26.84 -4.79
C VAL B 109 3.60 -25.41 -4.38
N MET B 110 2.91 -25.25 -3.26
CA MET B 110 2.43 -23.92 -2.87
C MET B 110 3.54 -22.92 -2.66
N ASP B 111 3.30 -21.68 -3.07
CA ASP B 111 4.29 -20.62 -2.91
C ASP B 111 4.08 -19.87 -1.60
N TYR B 112 5.16 -19.62 -0.87
CA TYR B 112 5.09 -18.85 0.37
C TYR B 112 5.94 -17.61 0.23
N TRP B 113 5.40 -16.49 0.68
CA TRP B 113 6.09 -15.22 0.58
C TRP B 113 6.36 -14.56 1.91
N GLY B 114 7.40 -13.72 1.94
CA GLY B 114 7.71 -12.98 3.14
C GLY B 114 6.87 -11.73 3.11
N GLN B 115 6.84 -10.97 4.20
CA GLN B 115 6.03 -9.77 4.23
C GLN B 115 6.57 -8.59 3.43
N GLY B 116 7.85 -8.65 3.06
CA GLY B 116 8.45 -7.57 2.30
C GLY B 116 9.31 -6.68 3.17
N THR B 117 10.38 -6.15 2.60
CA THR B 117 11.30 -5.25 3.31
C THR B 117 11.45 -4.00 2.45
N LEU B 118 11.17 -2.85 3.06
CA LEU B 118 11.22 -1.56 2.39
C LEU B 118 12.60 -0.93 2.61
N VAL B 119 13.27 -0.60 1.52
CA VAL B 119 14.59 0.02 1.57
C VAL B 119 14.41 1.44 1.05
N THR B 120 14.90 2.40 1.81
CA THR B 120 14.84 3.81 1.42
C THR B 120 16.27 4.32 1.28
N VAL B 121 16.65 4.75 0.08
CA VAL B 121 17.98 5.28 -0.16
C VAL B 121 17.93 6.81 -0.13
N SER B 122 18.39 7.40 0.96
CA SER B 122 18.37 8.84 1.12
C SER B 122 19.44 9.30 2.10
N SER B 123 19.82 10.57 2.01
CA SER B 123 20.81 11.12 2.92
C SER B 123 20.13 12.09 3.89
N ALA B 124 18.80 12.20 3.79
CA ALA B 124 18.00 13.07 4.65
C ALA B 124 18.00 12.52 6.06
N LYS B 125 17.93 13.43 7.03
CA LYS B 125 17.99 13.02 8.43
C LYS B 125 16.69 12.51 9.04
N THR B 126 16.84 11.60 10.00
CA THR B 126 15.74 11.01 10.74
C THR B 126 15.11 12.06 11.65
N THR B 127 13.79 12.21 11.55
CA THR B 127 13.08 13.20 12.33
C THR B 127 11.87 12.59 13.02
N ALA B 128 11.69 12.94 14.30
CA ALA B 128 10.57 12.45 15.10
C ALA B 128 9.31 13.20 14.68
N PRO B 129 8.16 12.50 14.65
CA PRO B 129 6.92 13.15 14.25
C PRO B 129 6.25 13.90 15.38
N SER B 130 5.36 14.82 15.01
CA SER B 130 4.56 15.57 15.96
C SER B 130 3.17 14.96 15.80
N VAL B 131 2.55 14.55 16.90
CA VAL B 131 1.21 13.97 16.84
C VAL B 131 0.22 14.98 17.41
N TYR B 132 -0.71 15.43 16.58
CA TYR B 132 -1.72 16.39 16.99
C TYR B 132 -3.10 15.77 16.96
N PRO B 133 -3.88 15.94 18.03
CA PRO B 133 -5.23 15.37 18.12
C PRO B 133 -6.25 16.24 17.38
N LEU B 134 -7.17 15.61 16.67
CA LEU B 134 -8.19 16.35 15.96
C LEU B 134 -9.54 16.13 16.60
N ALA B 135 -9.98 17.12 17.35
CA ALA B 135 -11.27 17.09 18.02
C ALA B 135 -12.16 17.86 17.08
N PRO B 136 -13.43 17.45 16.93
CA PRO B 136 -14.35 18.15 16.04
C PRO B 136 -14.82 19.50 16.51
N VAL B 137 -15.21 20.33 15.56
CA VAL B 137 -15.77 21.64 15.83
C VAL B 137 -16.85 21.71 14.76
N CYS B 138 -16.46 21.33 13.55
CA CYS B 138 -17.34 21.27 12.38
C CYS B 138 -17.16 19.87 11.80
N GLY B 139 -16.04 19.24 12.18
CA GLY B 139 -15.75 17.88 11.76
C GLY B 139 -16.43 16.92 12.71
N ASP B 140 -17.57 17.38 13.21
CA ASP B 140 -18.40 16.66 14.17
C ASP B 140 -19.31 15.63 13.51
N THR B 141 -19.71 15.93 12.27
CA THR B 141 -20.64 15.09 11.51
C THR B 141 -22.00 15.14 12.26
N THR B 142 -22.13 16.19 13.09
CA THR B 142 -23.32 16.45 13.90
C THR B 142 -23.48 15.37 14.98
N GLY B 143 -24.72 14.97 15.26
CA GLY B 143 -24.97 13.94 16.25
C GLY B 143 -24.99 12.58 15.58
N SER B 144 -25.52 11.57 16.29
CA SER B 144 -25.59 10.21 15.78
C SER B 144 -24.18 9.61 15.86
N SER B 145 -23.28 10.12 15.02
CA SER B 145 -21.90 9.66 15.01
C SER B 145 -21.02 10.91 14.97
N VAL B 146 -19.77 10.75 15.40
CA VAL B 146 -18.80 11.85 15.42
C VAL B 146 -17.46 11.27 15.02
N THR B 147 -16.71 11.99 14.19
CA THR B 147 -15.41 11.47 13.81
C THR B 147 -14.28 12.32 14.39
N LEU B 148 -13.27 11.62 14.93
CA LEU B 148 -12.10 12.25 15.52
C LEU B 148 -10.95 11.99 14.54
N GLY B 149 -9.82 12.65 14.76
CA GLY B 149 -8.69 12.45 13.87
C GLY B 149 -7.37 12.55 14.59
N CYS B 150 -6.30 12.20 13.87
CA CYS B 150 -4.96 12.25 14.43
C CYS B 150 -3.99 12.63 13.34
N LEU B 151 -3.26 13.72 13.54
CA LEU B 151 -2.31 14.21 12.56
C LEU B 151 -0.90 13.92 13.00
N VAL B 152 -0.20 13.15 12.20
CA VAL B 152 1.20 12.79 12.45
C VAL B 152 1.99 13.51 11.35
N LYS B 153 2.74 14.54 11.69
CA LYS B 153 3.51 15.24 10.67
C LYS B 153 4.97 15.55 10.97
N GLY B 154 5.73 15.75 9.90
CA GLY B 154 7.14 16.08 9.99
C GLY B 154 8.05 15.00 10.49
N TYR B 155 7.87 13.78 9.99
CA TYR B 155 8.72 12.69 10.42
C TYR B 155 9.47 12.10 9.23
N PHE B 156 10.61 11.47 9.51
CA PHE B 156 11.41 10.80 8.49
C PHE B 156 12.28 9.73 9.17
N PRO B 157 12.36 8.54 8.56
CA PRO B 157 11.70 8.14 7.33
C PRO B 157 10.50 7.27 7.70
N GLU B 158 9.91 6.62 6.71
CA GLU B 158 8.79 5.72 6.98
C GLU B 158 9.37 4.48 7.62
N PRO B 159 8.55 3.71 8.37
CA PRO B 159 7.13 3.95 8.63
C PRO B 159 6.81 4.44 10.04
N VAL B 160 5.53 4.71 10.25
CA VAL B 160 5.03 5.16 11.54
C VAL B 160 3.84 4.21 11.78
N THR B 161 3.62 3.80 13.03
CA THR B 161 2.50 2.91 13.33
C THR B 161 1.48 3.70 14.13
N LEU B 162 0.25 3.72 13.64
CA LEU B 162 -0.82 4.45 14.31
C LEU B 162 -2.00 3.55 14.57
N THR B 163 -2.39 3.42 15.84
CA THR B 163 -3.54 2.60 16.21
C THR B 163 -4.41 3.43 17.14
N TRP B 164 -5.64 3.00 17.30
CA TRP B 164 -6.57 3.69 18.17
C TRP B 164 -6.89 2.78 19.33
N ASN B 165 -6.76 3.32 20.54
CA ASN B 165 -7.03 2.56 21.75
C ASN B 165 -6.26 1.25 21.73
N SER B 166 -4.95 1.37 21.55
CA SER B 166 -4.03 0.24 21.51
C SER B 166 -4.48 -0.95 20.66
N GLY B 167 -5.16 -0.66 19.55
CA GLY B 167 -5.61 -1.71 18.67
C GLY B 167 -7.04 -2.16 18.89
N SER B 168 -7.60 -1.86 20.06
CA SER B 168 -8.98 -2.24 20.37
C SER B 168 -9.99 -1.71 19.35
N LEU B 169 -9.89 -0.41 19.05
CA LEU B 169 -10.79 0.24 18.11
C LEU B 169 -10.23 0.12 16.69
N SER B 170 -10.63 -0.93 15.99
CA SER B 170 -10.15 -1.17 14.64
C SER B 170 -11.19 -0.94 13.56
N SER B 171 -12.44 -0.76 13.96
CA SER B 171 -13.48 -0.53 12.98
C SER B 171 -13.87 0.93 12.88
N GLY B 172 -14.01 1.39 11.65
CA GLY B 172 -14.38 2.77 11.42
C GLY B 172 -13.17 3.68 11.37
N VAL B 173 -11.97 3.12 11.35
CA VAL B 173 -10.78 3.94 11.27
C VAL B 173 -10.30 4.00 9.83
N HIS B 174 -9.72 5.14 9.46
CA HIS B 174 -9.19 5.32 8.12
C HIS B 174 -7.81 5.88 8.32
N THR B 175 -6.80 5.11 7.95
CA THR B 175 -5.43 5.58 8.05
C THR B 175 -4.98 5.83 6.62
N PHE B 176 -4.66 7.09 6.35
CA PHE B 176 -4.27 7.51 5.02
C PHE B 176 -2.77 7.36 4.82
N PRO B 177 -2.35 7.03 3.59
CA PRO B 177 -0.95 6.85 3.25
C PRO B 177 -0.18 8.16 3.48
N ALA B 178 1.04 8.05 4.00
CA ALA B 178 1.86 9.22 4.28
C ALA B 178 2.31 9.83 2.97
N VAL B 179 2.34 11.16 2.92
CA VAL B 179 2.76 11.88 1.74
C VAL B 179 4.02 12.64 2.08
N LEU B 180 5.04 12.49 1.25
CA LEU B 180 6.31 13.15 1.46
C LEU B 180 6.26 14.55 0.89
N GLN B 181 6.76 15.52 1.64
CA GLN B 181 6.82 16.91 1.22
C GLN B 181 7.93 17.62 1.96
N SER B 182 8.97 18.03 1.22
CA SER B 182 10.12 18.73 1.78
C SER B 182 10.89 17.89 2.78
N ASP B 183 11.20 16.65 2.39
CA ASP B 183 11.97 15.72 3.21
C ASP B 183 11.28 15.23 4.49
N LEU B 184 9.99 15.51 4.63
CA LEU B 184 9.24 15.07 5.79
C LEU B 184 7.94 14.43 5.35
N TYR B 185 7.46 13.46 6.09
CA TYR B 185 6.20 12.81 5.79
C TYR B 185 5.09 13.33 6.71
N THR B 186 3.85 13.22 6.22
CA THR B 186 2.67 13.59 6.98
C THR B 186 1.69 12.44 6.77
N LEU B 187 1.00 12.06 7.84
CA LEU B 187 0.03 10.97 7.81
C LEU B 187 -1.11 11.33 8.77
N SER B 188 -2.34 10.98 8.40
CA SER B 188 -3.49 11.25 9.26
C SER B 188 -4.42 10.05 9.33
N SER B 189 -5.16 9.93 10.43
CA SER B 189 -6.10 8.85 10.61
C SER B 189 -7.37 9.41 11.22
N SER B 190 -8.52 8.92 10.76
CA SER B 190 -9.82 9.36 11.27
C SER B 190 -10.56 8.15 11.81
N VAL B 191 -11.31 8.35 12.88
CA VAL B 191 -12.09 7.27 13.47
C VAL B 191 -13.50 7.78 13.72
N THR B 192 -14.47 7.08 13.17
CA THR B 192 -15.86 7.47 13.35
C THR B 192 -16.50 6.63 14.42
N VAL B 193 -16.98 7.27 15.47
CA VAL B 193 -17.65 6.57 16.57
C VAL B 193 -19.05 7.17 16.75
N THR B 194 -19.86 6.60 17.64
CA THR B 194 -21.20 7.12 17.87
C THR B 194 -21.11 8.29 18.85
N SER B 195 -22.10 9.18 18.79
CA SER B 195 -22.14 10.34 19.67
C SER B 195 -22.16 9.91 21.15
N SER B 196 -22.60 8.68 21.38
CA SER B 196 -22.69 8.13 22.71
C SER B 196 -21.34 7.72 23.27
N THR B 197 -20.45 7.26 22.40
CA THR B 197 -19.14 6.84 22.85
C THR B 197 -18.30 8.03 23.28
N TRP B 198 -18.04 8.97 22.38
CA TRP B 198 -17.25 10.15 22.70
C TRP B 198 -18.19 11.31 23.00
N PRO B 199 -17.85 12.19 23.97
CA PRO B 199 -16.69 12.26 24.87
C PRO B 199 -16.84 11.45 26.14
N SER B 200 -17.89 10.64 26.20
CA SER B 200 -18.18 9.81 27.37
C SER B 200 -17.01 8.88 27.70
N GLN B 201 -16.50 8.20 26.67
CA GLN B 201 -15.37 7.30 26.83
C GLN B 201 -14.21 7.90 26.06
N SER B 202 -13.00 7.71 26.57
CA SER B 202 -11.84 8.28 25.92
C SER B 202 -11.40 7.54 24.65
N ILE B 203 -10.93 8.31 23.68
CA ILE B 203 -10.43 7.78 22.43
C ILE B 203 -9.00 8.25 22.40
N THR B 204 -8.07 7.33 22.20
CA THR B 204 -6.66 7.70 22.18
C THR B 204 -5.97 7.23 20.90
N CYS B 205 -5.13 8.10 20.39
CA CYS B 205 -4.36 7.85 19.19
C CYS B 205 -2.97 7.37 19.61
N ASN B 206 -2.53 6.23 19.09
CA ASN B 206 -1.23 5.68 19.44
C ASN B 206 -0.33 5.76 18.22
N VAL B 207 0.86 6.33 18.39
CA VAL B 207 1.79 6.46 17.28
C VAL B 207 3.17 5.98 17.67
N ALA B 208 3.82 5.28 16.75
CA ALA B 208 5.15 4.76 16.98
C ALA B 208 6.00 5.02 15.73
N HIS B 209 7.21 5.52 15.93
CA HIS B 209 8.13 5.77 14.83
C HIS B 209 9.43 5.10 15.21
N PRO B 210 9.59 3.82 14.85
CA PRO B 210 10.80 3.04 15.17
C PRO B 210 12.13 3.76 14.91
N ALA B 211 12.29 4.31 13.70
CA ALA B 211 13.52 5.00 13.36
C ALA B 211 13.97 6.01 14.41
N SER B 212 13.02 6.73 15.01
CA SER B 212 13.35 7.73 16.04
C SER B 212 13.22 7.13 17.43
N SER B 213 12.62 5.95 17.50
CA SER B 213 12.35 5.31 18.77
C SER B 213 11.41 6.24 19.55
N THR B 214 10.45 6.80 18.81
CA THR B 214 9.46 7.71 19.39
C THR B 214 8.15 6.96 19.52
N LYS B 215 7.54 7.03 20.70
CA LYS B 215 6.27 6.39 20.96
C LYS B 215 5.42 7.43 21.68
N VAL B 216 4.25 7.74 21.13
CA VAL B 216 3.39 8.76 21.73
C VAL B 216 1.91 8.44 21.65
N ASP B 217 1.21 8.74 22.73
CA ASP B 217 -0.22 8.53 22.82
C ASP B 217 -0.90 9.88 23.00
N LYS B 218 -1.77 10.24 22.05
CA LYS B 218 -2.48 11.51 22.15
C LYS B 218 -3.93 11.21 22.45
N LYS B 219 -4.45 11.84 23.50
CA LYS B 219 -5.82 11.64 23.92
C LYS B 219 -6.69 12.69 23.27
N ILE B 220 -7.69 12.25 22.49
CA ILE B 220 -8.56 13.20 21.82
C ILE B 220 -9.53 13.81 22.84
N GLU B 221 -9.14 14.98 23.33
CA GLU B 221 -9.95 15.71 24.31
C GLU B 221 -10.82 16.69 23.53
N PRO B 222 -11.96 17.10 24.10
CA PRO B 222 -12.90 18.03 23.47
C PRO B 222 -12.34 19.46 23.40
ZN ZN C . -9.38 39.52 6.33
ZN ZN D . 15.68 -20.49 -26.30
ZN ZN E . 0.25 -28.34 -10.71
ZN ZN F . 14.38 -17.76 -24.32
ZN ZN G . -8.36 36.30 4.96
ZN ZN H . -8.38 37.91 1.95
ZN ZN I . -9.86 40.88 3.13
#